data_8PPD
#
_entry.id   8PPD
#
_cell.length_a   72.160
_cell.length_b   97.524
_cell.length_c   192.056
_cell.angle_alpha   90.00
_cell.angle_beta   90.00
_cell.angle_gamma   90.00
#
_symmetry.space_group_name_H-M   'C 2 2 21'
#
loop_
_entity.id
_entity.type
_entity.pdbx_description
1 polymer 'Inositol-trisphosphate 3-kinase A'
2 non-polymer 'SULFATE ION'
3 non-polymer "ADENOSINE-5'-TRIPHOSPHATE"
4 non-polymer 'DL-6-deoxy-6-hydroxy-methyl-scyllo-inositol 1,2,4-trisphosphate'
5 non-polymer 'MANGANESE (II) ION'
6 water water
#
_entity_poly.entity_id   1
_entity_poly.type   'polypeptide(L)'
_entity_poly.pdbx_seq_one_letter_code
;GSHMSWVQLAGHTGSFKAAGTSGLILKRCSEPERYCLARLMADALRGCVPAFHGVVERDGESYLQLQDLLDGFDGPCVLD
CKMGVRTYLEEELTKARERPKLRKDMYKKMLAVDPEAPTEEEHAQRAVTKPRYMQWREGISSSTTLGFRIEGIKKADGSC
STDFKTTRSREQVLRVFEEFVQGDEEVLRRYLNRLQQIRDTLEVSEFFRRHEVIGSSLLFVHDHCHRAGVWLIDFGKTTP
LPDGQILDHRRPWEEGNREDGYLLGLDNLIGILASLAER
;
_entity_poly.pdbx_strand_id   A,B
#
# COMPACT_ATOMS: atom_id res chain seq x y z
N GLY A 1 2.15 -11.30 -17.43
CA GLY A 1 2.33 -10.59 -16.12
C GLY A 1 3.79 -10.62 -15.68
N SER A 2 4.18 -9.72 -14.78
CA SER A 2 5.54 -9.70 -14.17
C SER A 2 5.48 -8.91 -12.86
N HIS A 3 6.25 -9.33 -11.85
CA HIS A 3 6.27 -8.65 -10.53
C HIS A 3 6.90 -7.26 -10.72
N MET A 4 8.16 -7.23 -11.16
CA MET A 4 8.95 -5.99 -11.45
C MET A 4 8.33 -5.27 -12.66
N GLY A 14 12.15 -3.63 -1.95
CA GLY A 14 12.81 -4.39 -0.87
C GLY A 14 13.96 -5.26 -1.40
N SER A 15 13.70 -6.55 -1.62
CA SER A 15 14.73 -7.59 -1.84
C SER A 15 14.67 -8.16 -3.28
N PHE A 16 13.91 -7.54 -4.19
CA PHE A 16 13.67 -8.07 -5.57
C PHE A 16 14.32 -7.16 -6.62
N LYS A 17 14.70 -7.77 -7.74
CA LYS A 17 15.39 -7.15 -8.90
C LYS A 17 14.93 -7.87 -10.16
N ALA A 18 14.81 -7.16 -11.29
CA ALA A 18 14.45 -7.77 -12.59
C ALA A 18 15.57 -8.73 -13.00
N ALA A 19 15.21 -9.87 -13.61
CA ALA A 19 16.17 -10.87 -14.12
C ALA A 19 16.53 -10.56 -15.57
N GLY A 20 17.64 -11.09 -16.07
CA GLY A 20 18.05 -10.99 -17.47
C GLY A 20 17.12 -11.77 -18.40
N THR A 21 16.61 -12.90 -17.93
CA THR A 21 15.82 -13.90 -18.70
C THR A 21 14.32 -13.62 -18.51
N SER A 22 13.51 -13.84 -19.56
CA SER A 22 12.04 -13.66 -19.53
C SER A 22 11.42 -14.77 -18.66
N GLY A 23 10.43 -14.41 -17.85
CA GLY A 23 9.73 -15.34 -16.94
C GLY A 23 10.44 -15.53 -15.61
N LEU A 24 11.57 -14.85 -15.37
CA LEU A 24 12.32 -15.01 -14.09
C LEU A 24 12.28 -13.72 -13.28
N ILE A 25 12.62 -13.84 -12.01
CA ILE A 25 12.77 -12.69 -11.07
C ILE A 25 13.94 -13.01 -10.13
N LEU A 26 14.62 -11.97 -9.64
CA LEU A 26 15.75 -12.10 -8.68
C LEU A 26 15.29 -11.68 -7.29
N LYS A 27 15.65 -12.49 -6.29
CA LYS A 27 15.42 -12.21 -4.86
C LYS A 27 16.75 -12.28 -4.12
N ARG A 28 17.03 -11.29 -3.26
CA ARG A 28 18.29 -11.24 -2.47
C ARG A 28 18.46 -12.59 -1.79
N CYS A 29 19.58 -13.26 -2.08
CA CYS A 29 19.93 -14.59 -1.52
C CYS A 29 20.23 -14.48 -0.03
N SER A 30 19.66 -15.41 0.75
CA SER A 30 19.87 -15.63 2.19
C SER A 30 20.06 -17.15 2.38
N GLU A 31 20.83 -17.57 3.38
CA GLU A 31 21.33 -18.97 3.42
C GLU A 31 20.20 -19.94 3.78
N PRO A 32 19.32 -19.61 4.76
CA PRO A 32 18.18 -20.46 5.07
C PRO A 32 17.30 -20.67 3.83
N GLU A 33 16.98 -19.58 3.11
CA GLU A 33 16.06 -19.65 1.95
C GLU A 33 16.68 -20.44 0.80
N ARG A 34 17.99 -20.29 0.53
CA ARG A 34 18.65 -20.98 -0.59
C ARG A 34 18.67 -22.48 -0.30
N TYR A 35 19.07 -22.86 0.91
CA TYR A 35 19.04 -24.24 1.44
C TYR A 35 17.63 -24.84 1.22
N CYS A 36 16.59 -24.10 1.61
CA CYS A 36 15.17 -24.57 1.49
C CYS A 36 14.79 -24.79 0.04
N LEU A 37 14.97 -23.79 -0.84
CA LEU A 37 14.55 -23.90 -2.26
C LEU A 37 15.29 -25.04 -2.94
N ALA A 38 16.57 -25.24 -2.65
CA ALA A 38 17.34 -26.37 -3.21
C ALA A 38 16.68 -27.69 -2.81
N ARG A 39 16.34 -27.88 -1.52
CA ARG A 39 15.70 -29.12 -1.00
C ARG A 39 14.30 -29.25 -1.63
N LEU A 40 13.55 -28.15 -1.74
CA LEU A 40 12.16 -28.20 -2.25
C LEU A 40 12.09 -28.64 -3.71
N MET A 41 13.12 -28.35 -4.52
CA MET A 41 13.11 -28.72 -5.96
C MET A 41 13.11 -30.27 -6.13
N ALA A 42 13.52 -31.03 -5.11
CA ALA A 42 13.56 -32.51 -5.14
C ALA A 42 12.55 -33.09 -4.13
N ASP A 43 11.61 -32.27 -3.64
CA ASP A 43 10.58 -32.70 -2.65
C ASP A 43 9.24 -32.90 -3.36
N ALA A 44 8.28 -33.53 -2.68
CA ALA A 44 6.86 -33.58 -3.08
C ALA A 44 6.35 -32.15 -3.37
N LEU A 45 6.85 -31.15 -2.64
CA LEU A 45 6.36 -29.74 -2.75
C LEU A 45 6.92 -29.03 -3.99
N ARG A 46 7.74 -29.69 -4.81
CA ARG A 46 8.39 -29.07 -6.00
C ARG A 46 7.41 -28.15 -6.77
N GLY A 47 6.23 -28.65 -7.14
CA GLY A 47 5.25 -27.91 -7.95
C GLY A 47 4.49 -26.83 -7.19
N CYS A 48 4.61 -26.80 -5.87
CA CYS A 48 3.83 -25.92 -4.95
C CYS A 48 4.63 -24.67 -4.65
N VAL A 49 5.86 -24.59 -5.15
CA VAL A 49 6.76 -23.44 -4.89
C VAL A 49 7.26 -22.90 -6.22
N PRO A 50 7.73 -21.65 -6.24
CA PRO A 50 8.34 -21.12 -7.45
C PRO A 50 9.59 -21.93 -7.80
N ALA A 51 9.79 -22.21 -9.08
CA ALA A 51 11.01 -22.86 -9.62
C ALA A 51 12.24 -22.07 -9.16
N PHE A 52 13.25 -22.78 -8.68
CA PHE A 52 14.54 -22.21 -8.23
C PHE A 52 15.62 -22.68 -9.22
N HIS A 53 16.29 -21.74 -9.88
CA HIS A 53 17.22 -22.04 -11.00
C HIS A 53 18.69 -21.89 -10.56
N GLY A 54 18.94 -21.61 -9.29
CA GLY A 54 20.30 -21.39 -8.76
C GLY A 54 20.55 -19.94 -8.42
N VAL A 55 21.82 -19.57 -8.20
CA VAL A 55 22.21 -18.23 -7.68
C VAL A 55 22.96 -17.48 -8.79
N VAL A 56 22.80 -16.16 -8.83
CA VAL A 56 23.53 -15.24 -9.76
C VAL A 56 24.07 -14.05 -8.97
N GLU A 57 25.16 -13.46 -9.46
CA GLU A 57 25.78 -12.22 -8.91
C GLU A 57 25.33 -11.05 -9.77
N ARG A 58 24.79 -10.00 -9.15
CA ARG A 58 24.46 -8.71 -9.81
C ARG A 58 25.04 -7.58 -8.95
N ASP A 59 26.15 -7.00 -9.39
CA ASP A 59 26.85 -5.87 -8.72
C ASP A 59 27.26 -6.34 -7.31
N GLY A 60 28.06 -7.41 -7.26
CA GLY A 60 28.73 -7.92 -6.04
C GLY A 60 27.76 -8.55 -5.03
N GLU A 61 26.47 -8.67 -5.37
CA GLU A 61 25.40 -9.21 -4.46
C GLU A 61 24.84 -10.50 -5.06
N SER A 62 24.53 -11.47 -4.20
CA SER A 62 23.99 -12.81 -4.57
C SER A 62 22.45 -12.75 -4.60
N TYR A 63 21.84 -13.22 -5.71
CA TYR A 63 20.37 -13.31 -5.89
C TYR A 63 19.93 -14.75 -6.19
N LEU A 64 18.82 -15.17 -5.59
CA LEU A 64 18.08 -16.37 -6.04
C LEU A 64 17.41 -16.05 -7.39
N GLN A 65 17.63 -16.90 -8.40
CA GLN A 65 16.95 -16.84 -9.72
C GLN A 65 15.64 -17.65 -9.62
N LEU A 66 14.51 -16.96 -9.48
CA LEU A 66 13.18 -17.61 -9.26
C LEU A 66 12.27 -17.45 -10.47
N GLN A 67 11.42 -18.45 -10.70
CA GLN A 67 10.18 -18.28 -11.49
C GLN A 67 9.46 -17.02 -11.03
N ASP A 68 9.09 -16.16 -11.98
CA ASP A 68 8.16 -15.03 -11.73
C ASP A 68 6.77 -15.61 -11.84
N LEU A 69 6.08 -15.77 -10.71
CA LEU A 69 4.78 -16.47 -10.63
C LEU A 69 3.72 -15.67 -11.41
N LEU A 70 3.95 -14.38 -11.66
CA LEU A 70 2.96 -13.51 -12.37
C LEU A 70 3.04 -13.71 -13.88
N ASP A 71 4.08 -14.36 -14.39
CA ASP A 71 4.44 -14.36 -15.84
C ASP A 71 3.32 -15.00 -16.68
N GLY A 72 2.62 -16.01 -16.19
CA GLY A 72 1.55 -16.69 -16.95
C GLY A 72 0.29 -15.85 -17.12
N PHE A 73 0.10 -14.80 -16.30
CA PHE A 73 -1.21 -14.13 -16.08
C PHE A 73 -1.32 -12.87 -16.93
N ASP A 74 -2.56 -12.48 -17.26
CA ASP A 74 -2.88 -11.22 -17.99
C ASP A 74 -3.51 -10.25 -17.00
N GLY A 75 -2.72 -9.29 -16.50
CA GLY A 75 -3.13 -8.34 -15.44
C GLY A 75 -3.48 -9.07 -14.15
N PRO A 76 -2.49 -9.72 -13.51
CA PRO A 76 -2.73 -10.48 -12.27
C PRO A 76 -3.25 -9.67 -11.07
N CYS A 77 -4.17 -10.29 -10.32
CA CYS A 77 -4.60 -9.93 -8.96
C CYS A 77 -3.83 -10.83 -8.01
N VAL A 78 -3.24 -10.29 -6.95
CA VAL A 78 -2.32 -11.03 -6.07
C VAL A 78 -2.73 -10.82 -4.62
N LEU A 79 -2.85 -11.90 -3.85
CA LEU A 79 -3.06 -11.82 -2.40
C LEU A 79 -1.94 -12.61 -1.73
N ASP A 80 -1.31 -12.02 -0.72
CA ASP A 80 -0.21 -12.66 0.08
C ASP A 80 -0.82 -13.00 1.44
N CYS A 81 -0.80 -14.28 1.79
CA CYS A 81 -1.39 -14.82 3.03
C CYS A 81 -0.27 -15.42 3.89
N LYS A 82 0.09 -14.80 5.01
CA LYS A 82 1.19 -15.31 5.87
C LYS A 82 0.68 -16.49 6.70
N MET A 83 1.35 -17.64 6.62
CA MET A 83 0.88 -18.90 7.23
C MET A 83 1.55 -19.14 8.58
N GLY A 84 0.77 -19.61 9.55
CA GLY A 84 1.29 -20.02 10.87
C GLY A 84 0.65 -19.26 12.00
N VAL A 85 0.57 -19.90 13.16
CA VAL A 85 0.14 -19.22 14.42
C VAL A 85 1.32 -18.42 14.98
N ARG A 86 2.55 -18.79 14.64
CA ARG A 86 3.79 -18.12 15.11
C ARG A 86 4.58 -17.60 13.90
N THR A 87 5.15 -16.38 14.02
CA THR A 87 5.76 -15.59 12.92
C THR A 87 7.20 -15.20 13.24
N TYR A 88 7.76 -15.77 14.31
CA TYR A 88 9.15 -15.50 14.78
C TYR A 88 9.77 -16.80 15.27
N LEU A 89 11.08 -16.95 15.16
CA LEU A 89 11.84 -18.15 15.61
C LEU A 89 11.93 -18.11 17.14
N GLU A 90 11.99 -19.28 17.77
CA GLU A 90 12.05 -19.41 19.25
C GLU A 90 13.30 -18.73 19.79
N GLU A 91 14.39 -18.66 19.00
CA GLU A 91 15.69 -18.06 19.41
C GLU A 91 15.49 -16.55 19.68
N GLU A 92 14.50 -15.93 19.03
CA GLU A 92 14.15 -14.51 19.26
C GLU A 92 13.73 -14.33 20.73
N LEU A 93 13.05 -15.31 21.34
CA LEU A 93 12.61 -15.22 22.76
C LEU A 93 13.85 -15.27 23.67
N THR A 94 14.79 -16.18 23.38
CA THR A 94 16.05 -16.35 24.13
C THR A 94 16.83 -15.03 24.07
N LYS A 95 17.02 -14.49 22.87
CA LYS A 95 17.77 -13.21 22.66
C LYS A 95 17.08 -12.07 23.40
N ALA A 96 15.75 -12.01 23.40
CA ALA A 96 14.96 -10.93 24.03
C ALA A 96 15.10 -10.99 25.57
N ARG A 97 15.43 -12.16 26.12
CA ARG A 97 15.62 -12.35 27.59
C ARG A 97 17.07 -12.07 27.99
N GLU A 98 18.03 -12.57 27.22
CA GLU A 98 19.46 -12.54 27.60
C GLU A 98 20.06 -11.16 27.31
N ARG A 99 19.64 -10.53 26.20
CA ARG A 99 20.42 -9.47 25.49
C ARG A 99 19.47 -8.69 24.60
N PRO A 100 18.35 -8.16 25.15
CA PRO A 100 17.28 -7.60 24.33
C PRO A 100 17.76 -6.44 23.46
N LYS A 101 17.36 -6.42 22.17
CA LYS A 101 17.48 -5.25 21.28
C LYS A 101 16.16 -4.50 21.34
N LEU A 102 16.13 -3.36 22.03
CA LEU A 102 14.92 -2.51 22.12
C LEU A 102 14.74 -1.81 20.77
N ARG A 103 13.59 -2.06 20.11
CA ARG A 103 13.30 -1.56 18.75
C ARG A 103 12.41 -0.32 18.89
N LYS A 104 12.98 0.86 18.65
CA LYS A 104 12.22 2.14 18.71
C LYS A 104 11.22 2.15 17.55
N ASP A 105 11.67 1.68 16.38
CA ASP A 105 10.83 1.58 15.15
C ASP A 105 9.59 0.72 15.44
N MET A 106 9.73 -0.44 16.08
CA MET A 106 8.55 -1.33 16.31
C MET A 106 7.59 -0.69 17.31
N TYR A 107 8.10 0.04 18.31
CA TYR A 107 7.24 0.81 19.24
C TYR A 107 6.41 1.82 18.43
N LYS A 108 7.06 2.55 17.51
CA LYS A 108 6.38 3.54 16.64
C LYS A 108 5.31 2.83 15.80
N LYS A 109 5.69 1.75 15.11
CA LYS A 109 4.75 0.98 14.24
C LYS A 109 3.57 0.49 15.10
N MET A 110 3.84 0.07 16.33
CA MET A 110 2.78 -0.39 17.27
C MET A 110 1.91 0.80 17.66
N LEU A 111 2.54 1.92 18.01
CA LEU A 111 1.85 3.17 18.46
C LEU A 111 0.93 3.62 17.32
N ALA A 112 1.45 3.66 16.09
CA ALA A 112 0.69 4.08 14.87
C ALA A 112 -0.63 3.30 14.78
N VAL A 113 -0.59 1.96 14.95
CA VAL A 113 -1.81 1.09 14.89
C VAL A 113 -2.66 1.32 16.15
N ASP A 114 -2.03 1.33 17.32
CA ASP A 114 -2.74 1.46 18.62
C ASP A 114 -1.82 2.15 19.61
N PRO A 115 -2.02 3.46 19.84
CA PRO A 115 -1.30 4.19 20.89
C PRO A 115 -1.40 3.61 22.32
N GLU A 116 -2.42 2.80 22.64
CA GLU A 116 -2.64 2.25 24.02
C GLU A 116 -2.18 0.79 24.15
N ALA A 117 -1.58 0.20 23.13
CA ALA A 117 -1.15 -1.21 23.16
C ALA A 117 0.07 -1.36 24.08
N PRO A 118 1.10 -0.49 23.99
CA PRO A 118 2.28 -0.62 24.84
C PRO A 118 1.97 -0.55 26.35
N THR A 119 2.77 -1.25 27.16
CA THR A 119 2.83 -1.19 28.64
C THR A 119 3.39 0.17 29.10
N GLU A 120 3.19 0.52 30.39
CA GLU A 120 3.89 1.65 31.08
C GLU A 120 5.37 1.68 30.68
N GLU A 121 6.05 0.53 30.81
CA GLU A 121 7.53 0.44 30.68
C GLU A 121 7.92 0.61 29.22
N GLU A 122 7.15 0.03 28.29
CA GLU A 122 7.39 0.20 26.84
C GLU A 122 7.28 1.69 26.44
N HIS A 123 6.23 2.37 26.90
CA HIS A 123 6.04 3.84 26.72
C HIS A 123 7.29 4.59 27.19
N ALA A 124 7.85 4.25 28.35
CA ALA A 124 9.01 4.95 28.95
C ALA A 124 10.26 4.71 28.11
N GLN A 125 10.41 3.48 27.58
CA GLN A 125 11.54 3.08 26.71
C GLN A 125 11.36 3.70 25.30
N ARG A 126 10.13 4.05 24.92
CA ARG A 126 9.74 4.29 23.50
C ARG A 126 10.26 3.13 22.63
N ALA A 127 10.18 1.89 23.12
CA ALA A 127 10.78 0.72 22.45
C ALA A 127 10.19 -0.60 22.97
N VAL A 128 10.06 -1.59 22.07
CA VAL A 128 9.53 -2.93 22.40
C VAL A 128 10.52 -3.96 21.85
N THR A 129 10.43 -5.19 22.33
CA THR A 129 11.23 -6.31 21.79
C THR A 129 10.52 -6.80 20.53
N LYS A 130 11.27 -7.41 19.61
CA LYS A 130 10.74 -7.99 18.36
C LYS A 130 9.67 -9.04 18.71
N PRO A 131 9.96 -10.06 19.54
CA PRO A 131 8.97 -11.10 19.83
C PRO A 131 7.67 -10.51 20.39
N ARG A 132 7.79 -9.49 21.25
CA ARG A 132 6.60 -8.83 21.83
C ARG A 132 5.80 -8.19 20.69
N TYR A 133 6.49 -7.51 19.78
CA TYR A 133 5.83 -6.82 18.64
C TYR A 133 5.14 -7.86 17.76
N MET A 134 5.84 -8.95 17.46
CA MET A 134 5.35 -10.01 16.51
C MET A 134 4.19 -10.77 17.16
N GLN A 135 4.24 -11.03 18.47
CA GLN A 135 3.10 -11.66 19.21
C GLN A 135 1.89 -10.72 19.20
N TRP A 136 2.12 -9.42 19.34
CA TRP A 136 1.00 -8.45 19.32
C TRP A 136 0.34 -8.45 17.92
N ARG A 137 1.14 -8.44 16.85
CA ARG A 137 0.66 -8.48 15.44
C ARG A 137 -0.15 -9.77 15.22
N GLU A 138 0.30 -10.89 15.81
CA GLU A 138 -0.40 -12.20 15.68
C GLU A 138 -1.79 -12.09 16.32
N GLY A 139 -1.93 -11.37 17.43
CA GLY A 139 -3.16 -11.36 18.23
C GLY A 139 -4.22 -10.38 17.71
N ILE A 140 -3.82 -9.29 17.04
CA ILE A 140 -4.81 -8.30 16.51
C ILE A 140 -5.16 -8.64 15.05
N SER A 141 -4.37 -9.51 14.41
CA SER A 141 -4.70 -10.19 13.13
C SER A 141 -5.34 -11.55 13.40
N SER A 142 -5.54 -12.35 12.35
CA SER A 142 -6.11 -13.71 12.45
C SER A 142 -5.03 -14.75 12.80
N SER A 143 -3.74 -14.39 12.87
CA SER A 143 -2.63 -15.37 13.00
C SER A 143 -2.86 -16.29 14.21
N THR A 144 -3.04 -15.72 15.40
CA THR A 144 -3.16 -16.47 16.68
C THR A 144 -4.37 -17.43 16.64
N THR A 145 -5.56 -16.96 16.23
CA THR A 145 -6.80 -17.77 16.31
C THR A 145 -6.97 -18.66 15.07
N LEU A 146 -6.65 -18.20 13.86
CA LEU A 146 -6.95 -18.98 12.62
C LEU A 146 -5.69 -19.62 12.03
N GLY A 147 -4.48 -19.19 12.42
CA GLY A 147 -3.21 -19.75 11.93
C GLY A 147 -2.79 -19.21 10.58
N PHE A 148 -3.34 -18.08 10.15
CA PHE A 148 -2.84 -17.34 8.96
C PHE A 148 -3.33 -15.90 9.08
N ARG A 149 -2.80 -15.04 8.26
CA ARG A 149 -3.33 -13.66 8.12
C ARG A 149 -3.06 -13.16 6.72
N ILE A 150 -3.97 -12.32 6.24
CA ILE A 150 -3.78 -11.55 4.99
C ILE A 150 -2.76 -10.44 5.24
N GLU A 151 -1.74 -10.36 4.39
CA GLU A 151 -0.66 -9.34 4.46
C GLU A 151 -0.96 -8.23 3.45
N GLY A 152 -1.43 -8.56 2.25
CA GLY A 152 -1.66 -7.51 1.24
C GLY A 152 -2.31 -8.02 -0.03
N ILE A 153 -2.80 -7.09 -0.84
CA ILE A 153 -3.46 -7.38 -2.14
C ILE A 153 -2.91 -6.39 -3.17
N LYS A 154 -2.63 -6.86 -4.37
CA LYS A 154 -2.29 -6.03 -5.55
C LYS A 154 -3.36 -6.36 -6.59
N LYS A 155 -4.24 -5.42 -6.93
CA LYS A 155 -5.40 -5.66 -7.82
C LYS A 155 -4.97 -5.41 -9.26
N ALA A 156 -5.79 -5.87 -10.21
CA ALA A 156 -5.58 -5.71 -11.67
C ALA A 156 -5.79 -4.25 -12.09
N ASP A 157 -6.47 -3.44 -11.27
CA ASP A 157 -6.72 -1.99 -11.55
C ASP A 157 -5.52 -1.12 -11.11
N GLY A 158 -4.41 -1.73 -10.69
CA GLY A 158 -3.15 -1.02 -10.33
C GLY A 158 -3.09 -0.73 -8.84
N SER A 159 -4.25 -0.73 -8.19
CA SER A 159 -4.38 -0.42 -6.74
C SER A 159 -3.77 -1.58 -5.94
N CYS A 160 -3.17 -1.25 -4.81
CA CYS A 160 -2.65 -2.24 -3.85
C CYS A 160 -3.06 -1.80 -2.45
N SER A 161 -3.11 -2.72 -1.50
CA SER A 161 -3.42 -2.42 -0.09
C SER A 161 -2.67 -3.37 0.85
N THR A 162 -2.14 -2.81 1.94
CA THR A 162 -1.54 -3.57 3.05
C THR A 162 -2.30 -3.29 4.35
N ASP A 163 -3.53 -2.79 4.26
CA ASP A 163 -4.31 -2.31 5.43
C ASP A 163 -5.10 -3.46 6.08
N PHE A 164 -4.41 -4.50 6.57
CA PHE A 164 -5.05 -5.75 7.06
C PHE A 164 -4.56 -6.11 8.48
N LYS A 165 -3.90 -5.20 9.20
CA LYS A 165 -3.31 -5.54 10.53
C LYS A 165 -4.38 -5.90 11.56
N THR A 166 -5.62 -5.42 11.42
CA THR A 166 -6.72 -5.73 12.37
C THR A 166 -7.79 -6.59 11.70
N THR A 167 -7.47 -7.23 10.58
CA THR A 167 -8.36 -8.23 9.92
C THR A 167 -8.21 -9.53 10.70
N ARG A 168 -9.21 -9.92 11.49
CA ARG A 168 -9.03 -10.97 12.53
C ARG A 168 -10.12 -12.04 12.49
N SER A 169 -11.39 -11.65 12.42
CA SER A 169 -12.52 -12.60 12.58
C SER A 169 -12.63 -13.42 11.29
N ARG A 170 -13.16 -14.63 11.39
CA ARG A 170 -13.36 -15.55 10.24
C ARG A 170 -14.13 -14.78 9.15
N GLU A 171 -15.19 -14.08 9.54
CA GLU A 171 -16.08 -13.34 8.61
C GLU A 171 -15.34 -12.13 8.00
N GLN A 172 -14.48 -11.41 8.73
CA GLN A 172 -13.64 -10.33 8.14
C GLN A 172 -12.73 -10.89 7.04
N VAL A 173 -12.14 -12.06 7.29
CA VAL A 173 -11.20 -12.70 6.32
C VAL A 173 -12.00 -13.10 5.08
N LEU A 174 -13.18 -13.71 5.29
CA LEU A 174 -14.07 -14.12 4.18
C LEU A 174 -14.35 -12.91 3.30
N ARG A 175 -14.66 -11.76 3.90
CA ARG A 175 -15.01 -10.53 3.15
C ARG A 175 -13.81 -10.04 2.34
N VAL A 176 -12.59 -10.22 2.80
CA VAL A 176 -11.39 -9.83 2.00
C VAL A 176 -11.33 -10.74 0.76
N PHE A 177 -11.47 -12.05 0.93
CA PHE A 177 -11.42 -13.03 -0.20
C PHE A 177 -12.61 -12.79 -1.13
N GLU A 178 -13.79 -12.50 -0.58
CA GLU A 178 -15.00 -12.16 -1.40
C GLU A 178 -14.67 -10.99 -2.33
N GLU A 179 -14.10 -9.91 -1.82
CA GLU A 179 -13.76 -8.72 -2.64
C GLU A 179 -12.63 -9.09 -3.63
N PHE A 180 -11.70 -9.95 -3.21
CA PHE A 180 -10.51 -10.29 -4.04
C PHE A 180 -10.96 -11.03 -5.31
N VAL A 181 -11.86 -12.00 -5.18
CA VAL A 181 -12.26 -12.89 -6.31
C VAL A 181 -13.36 -12.23 -7.15
N GLN A 182 -14.05 -11.21 -6.62
CA GLN A 182 -15.04 -10.36 -7.37
C GLN A 182 -16.06 -11.22 -8.12
N GLY A 183 -16.68 -12.18 -7.44
CA GLY A 183 -17.78 -13.02 -7.98
C GLY A 183 -17.34 -14.07 -9.00
N ASP A 184 -16.04 -14.29 -9.24
CA ASP A 184 -15.54 -15.22 -10.28
C ASP A 184 -15.53 -16.64 -9.70
N GLU A 185 -16.57 -17.43 -9.99
CA GLU A 185 -16.80 -18.78 -9.42
C GLU A 185 -15.70 -19.74 -9.89
N GLU A 186 -15.21 -19.56 -11.11
CA GLU A 186 -14.17 -20.42 -11.72
C GLU A 186 -12.86 -20.19 -10.97
N VAL A 187 -12.52 -18.94 -10.69
CA VAL A 187 -11.27 -18.61 -9.94
C VAL A 187 -11.37 -19.22 -8.56
N LEU A 188 -12.51 -19.09 -7.90
CA LEU A 188 -12.65 -19.59 -6.51
C LEU A 188 -12.55 -21.12 -6.51
N ARG A 189 -13.15 -21.78 -7.50
CA ARG A 189 -13.14 -23.26 -7.60
C ARG A 189 -11.69 -23.71 -7.82
N ARG A 190 -10.97 -23.01 -8.69
CA ARG A 190 -9.56 -23.33 -9.02
C ARG A 190 -8.66 -23.10 -7.79
N TYR A 191 -8.88 -22.03 -7.03
CA TYR A 191 -8.12 -21.80 -5.76
C TYR A 191 -8.38 -22.95 -4.78
N LEU A 192 -9.63 -23.36 -4.59
CA LEU A 192 -9.95 -24.43 -3.62
C LEU A 192 -9.31 -25.75 -4.07
N ASN A 193 -9.39 -26.07 -5.37
CA ASN A 193 -8.78 -27.32 -5.92
C ASN A 193 -7.28 -27.28 -5.64
N ARG A 194 -6.66 -26.11 -5.85
CA ARG A 194 -5.20 -25.97 -5.64
C ARG A 194 -4.89 -26.14 -4.14
N LEU A 195 -5.63 -25.49 -3.24
CA LEU A 195 -5.36 -25.55 -1.78
C LEU A 195 -5.56 -26.99 -1.27
N GLN A 196 -6.56 -27.72 -1.78
CA GLN A 196 -6.77 -29.15 -1.40
C GLN A 196 -5.54 -29.96 -1.79
N GLN A 197 -5.01 -29.73 -3.00
CA GLN A 197 -3.87 -30.51 -3.54
C GLN A 197 -2.60 -30.10 -2.80
N ILE A 198 -2.44 -28.82 -2.49
CA ILE A 198 -1.29 -28.37 -1.64
C ILE A 198 -1.37 -29.04 -0.27
N ARG A 199 -2.54 -29.09 0.37
CA ARG A 199 -2.64 -29.68 1.72
C ARG A 199 -2.20 -31.15 1.62
N ASP A 200 -2.68 -31.86 0.59
CA ASP A 200 -2.34 -33.28 0.37
C ASP A 200 -0.82 -33.44 0.23
N THR A 201 -0.19 -32.53 -0.50
CA THR A 201 1.26 -32.56 -0.78
C THR A 201 2.02 -32.28 0.53
N LEU A 202 1.60 -31.27 1.29
CA LEU A 202 2.25 -30.94 2.58
C LEU A 202 2.20 -32.16 3.52
N GLU A 203 1.08 -32.87 3.55
CA GLU A 203 0.86 -34.01 4.47
C GLU A 203 1.76 -35.20 4.09
N VAL A 204 2.32 -35.25 2.88
CA VAL A 204 3.21 -36.38 2.46
C VAL A 204 4.66 -35.90 2.30
N SER A 205 4.90 -34.59 2.35
CA SER A 205 6.24 -33.99 2.09
C SER A 205 7.26 -34.40 3.15
N GLU A 206 8.39 -34.96 2.72
CA GLU A 206 9.57 -35.22 3.60
C GLU A 206 10.10 -33.88 4.13
N PHE A 207 10.18 -32.85 3.30
CA PHE A 207 10.66 -31.52 3.74
C PHE A 207 9.75 -31.00 4.87
N PHE A 208 8.44 -31.03 4.64
CA PHE A 208 7.46 -30.39 5.56
C PHE A 208 7.51 -31.06 6.95
N ARG A 209 7.61 -32.39 7.01
CA ARG A 209 7.62 -33.11 8.30
C ARG A 209 8.87 -32.72 9.13
N ARG A 210 9.97 -32.30 8.49
CA ARG A 210 11.31 -32.10 9.12
C ARG A 210 11.70 -30.61 9.25
N HIS A 211 10.80 -29.68 8.91
CA HIS A 211 11.13 -28.24 8.97
C HIS A 211 10.04 -27.47 9.70
N GLU A 212 10.47 -26.49 10.48
CA GLU A 212 9.64 -25.49 11.16
C GLU A 212 9.43 -24.38 10.13
N VAL A 213 8.20 -24.16 9.71
CA VAL A 213 7.89 -23.28 8.54
C VAL A 213 7.30 -21.98 9.10
N ILE A 214 8.16 -20.99 9.27
CA ILE A 214 7.84 -19.68 9.93
C ILE A 214 8.04 -18.56 8.91
N GLY A 215 7.09 -17.63 8.83
CA GLY A 215 7.23 -16.44 7.97
C GLY A 215 6.95 -16.70 6.51
N SER A 216 6.50 -17.91 6.15
CA SER A 216 6.17 -18.25 4.75
C SER A 216 4.76 -17.73 4.44
N SER A 217 4.50 -17.54 3.15
CA SER A 217 3.18 -17.08 2.63
C SER A 217 2.63 -18.09 1.62
N LEU A 218 1.31 -18.14 1.47
CA LEU A 218 0.60 -18.60 0.25
C LEU A 218 0.32 -17.38 -0.62
N LEU A 219 0.79 -17.40 -1.87
CA LEU A 219 0.57 -16.32 -2.85
C LEU A 219 -0.54 -16.78 -3.80
N PHE A 220 -1.71 -16.14 -3.70
CA PHE A 220 -2.86 -16.35 -4.60
C PHE A 220 -2.70 -15.40 -5.78
N VAL A 221 -2.83 -15.91 -7.01
CA VAL A 221 -2.72 -15.10 -8.25
C VAL A 221 -3.84 -15.51 -9.19
N HIS A 222 -4.58 -14.55 -9.71
CA HIS A 222 -5.64 -14.86 -10.71
C HIS A 222 -5.72 -13.69 -11.68
N ASP A 223 -6.38 -13.93 -12.81
CA ASP A 223 -6.56 -12.87 -13.83
C ASP A 223 -8.00 -12.92 -14.34
N HIS A 224 -8.34 -11.97 -15.20
CA HIS A 224 -9.69 -11.76 -15.76
C HIS A 224 -10.02 -12.89 -16.73
N CYS A 225 -9.02 -13.63 -17.19
CA CYS A 225 -9.20 -14.84 -18.05
C CYS A 225 -9.45 -16.09 -17.21
N HIS A 226 -9.57 -15.92 -15.89
CA HIS A 226 -9.98 -16.97 -14.91
C HIS A 226 -8.82 -17.91 -14.60
N ARG A 227 -7.59 -17.60 -15.06
N ARG A 227 -7.60 -17.60 -15.05
CA ARG A 227 -6.38 -18.35 -14.66
CA ARG A 227 -6.38 -18.34 -14.67
C ARG A 227 -6.23 -18.14 -13.15
C ARG A 227 -6.21 -18.14 -13.16
N ALA A 228 -5.87 -19.18 -12.40
CA ALA A 228 -5.72 -19.07 -10.93
C ALA A 228 -4.62 -20.03 -10.47
N GLY A 229 -3.77 -19.56 -9.56
CA GLY A 229 -2.70 -20.38 -8.98
C GLY A 229 -2.43 -19.97 -7.56
N VAL A 230 -1.82 -20.87 -6.81
CA VAL A 230 -1.37 -20.66 -5.40
C VAL A 230 -0.01 -21.32 -5.27
N TRP A 231 0.96 -20.60 -4.72
CA TRP A 231 2.30 -21.13 -4.42
C TRP A 231 2.70 -20.76 -3.00
N LEU A 232 3.50 -21.61 -2.36
CA LEU A 232 4.22 -21.28 -1.11
C LEU A 232 5.42 -20.43 -1.52
N ILE A 233 5.64 -19.30 -0.82
CA ILE A 233 6.84 -18.45 -1.02
C ILE A 233 7.46 -18.10 0.33
N ASP A 234 8.71 -17.64 0.30
CA ASP A 234 9.43 -17.00 1.42
C ASP A 234 9.85 -18.03 2.48
N PHE A 235 11.00 -18.66 2.25
CA PHE A 235 11.56 -19.68 3.15
C PHE A 235 12.73 -19.10 3.95
N GLY A 236 12.75 -17.78 4.15
CA GLY A 236 13.83 -17.09 4.88
C GLY A 236 13.93 -17.48 6.34
N LYS A 237 12.84 -17.97 6.95
CA LYS A 237 12.81 -18.34 8.40
C LYS A 237 12.38 -19.80 8.56
N THR A 238 12.48 -20.62 7.51
CA THR A 238 12.13 -22.06 7.56
C THR A 238 13.41 -22.82 7.92
N THR A 239 13.40 -23.57 9.04
CA THR A 239 14.64 -24.15 9.64
C THR A 239 14.46 -25.64 9.89
N PRO A 240 15.49 -26.47 9.59
CA PRO A 240 15.41 -27.91 9.85
C PRO A 240 15.34 -28.19 11.35
N LEU A 241 14.53 -29.17 11.75
CA LEU A 241 14.43 -29.62 13.17
C LEU A 241 15.65 -30.49 13.50
N PRO A 242 16.02 -30.64 14.79
CA PRO A 242 17.01 -31.63 15.19
C PRO A 242 16.64 -33.03 14.67
N ASP A 243 17.58 -33.69 14.00
CA ASP A 243 17.38 -34.98 13.27
C ASP A 243 16.54 -35.95 14.13
N GLY A 244 15.55 -36.59 13.51
CA GLY A 244 14.66 -37.57 14.17
C GLY A 244 13.40 -36.93 14.75
N GLN A 245 13.41 -35.60 14.97
CA GLN A 245 12.24 -34.83 15.49
C GLN A 245 11.38 -34.39 14.29
N ILE A 246 10.06 -34.48 14.43
CA ILE A 246 9.09 -34.05 13.37
C ILE A 246 7.98 -33.23 14.04
N LEU A 247 7.32 -32.38 13.25
CA LEU A 247 6.16 -31.57 13.71
C LEU A 247 4.89 -32.15 13.13
N ASP A 248 3.76 -31.93 13.80
CA ASP A 248 2.41 -32.27 13.29
C ASP A 248 1.81 -31.05 12.55
N HIS A 249 2.31 -29.84 12.80
CA HIS A 249 1.88 -28.59 12.10
C HIS A 249 0.42 -28.22 12.42
N ARG A 250 -0.23 -28.87 13.38
CA ARG A 250 -1.60 -28.52 13.81
C ARG A 250 -1.64 -28.21 15.31
N ARG A 251 -0.81 -28.87 16.13
CA ARG A 251 -0.91 -28.77 17.60
C ARG A 251 -0.43 -27.38 18.03
N PRO A 252 -0.93 -26.84 19.16
CA PRO A 252 -0.62 -25.48 19.59
C PRO A 252 0.87 -25.29 19.89
N TRP A 253 1.40 -24.10 19.62
CA TRP A 253 2.81 -23.78 19.93
C TRP A 253 2.97 -23.58 21.45
N GLU A 254 4.00 -24.20 22.00
CA GLU A 254 4.50 -23.98 23.38
C GLU A 254 6.02 -23.96 23.29
N GLU A 255 6.65 -22.89 23.78
CA GLU A 255 8.10 -22.67 23.59
C GLU A 255 8.87 -23.97 23.83
N GLY A 256 9.67 -24.39 22.85
CA GLY A 256 10.49 -25.62 22.91
C GLY A 256 10.00 -26.72 21.97
N ASN A 257 8.70 -26.76 21.64
CA ASN A 257 8.12 -27.79 20.74
C ASN A 257 8.23 -27.32 19.28
N ARG A 258 8.49 -26.03 19.05
CA ARG A 258 8.81 -25.49 17.70
C ARG A 258 7.64 -25.65 16.73
N GLU A 259 6.42 -25.82 17.23
CA GLU A 259 5.20 -26.03 16.40
C GLU A 259 4.84 -24.68 15.74
N ASP A 260 4.34 -24.71 14.50
CA ASP A 260 4.13 -23.49 13.68
C ASP A 260 2.64 -23.28 13.40
N GLY A 261 1.77 -24.26 13.66
CA GLY A 261 0.34 -24.19 13.32
C GLY A 261 0.08 -24.01 11.82
N TYR A 262 1.02 -24.40 10.96
CA TYR A 262 0.89 -24.17 9.50
C TYR A 262 -0.38 -24.83 8.97
N LEU A 263 -0.64 -26.09 9.34
CA LEU A 263 -1.79 -26.85 8.76
C LEU A 263 -3.10 -26.45 9.47
N LEU A 264 -3.06 -25.98 10.72
CA LEU A 264 -4.24 -25.36 11.36
C LEU A 264 -4.67 -24.16 10.51
N GLY A 265 -3.71 -23.34 10.07
CA GLY A 265 -3.93 -22.21 9.15
C GLY A 265 -4.50 -22.65 7.81
N LEU A 266 -3.91 -23.66 7.18
CA LEU A 266 -4.36 -24.12 5.84
C LEU A 266 -5.77 -24.74 5.98
N ASP A 267 -6.04 -25.50 7.04
CA ASP A 267 -7.38 -26.12 7.26
C ASP A 267 -8.42 -25.00 7.36
N ASN A 268 -8.12 -23.95 8.12
CA ASN A 268 -9.06 -22.82 8.34
C ASN A 268 -9.28 -22.07 7.02
N LEU A 269 -8.21 -21.87 6.26
CA LEU A 269 -8.25 -21.11 5.00
C LEU A 269 -9.12 -21.85 3.98
N ILE A 270 -8.92 -23.15 3.87
CA ILE A 270 -9.74 -24.00 2.95
C ILE A 270 -11.20 -23.88 3.39
N GLY A 271 -11.48 -23.95 4.69
CA GLY A 271 -12.84 -23.85 5.24
C GLY A 271 -13.52 -22.54 4.85
N ILE A 272 -12.77 -21.45 4.89
CA ILE A 272 -13.30 -20.08 4.60
C ILE A 272 -13.62 -19.97 3.11
N LEU A 273 -12.74 -20.48 2.24
CA LEU A 273 -12.98 -20.40 0.78
C LEU A 273 -14.15 -21.34 0.43
N ALA A 274 -14.28 -22.48 1.11
CA ALA A 274 -15.37 -23.46 0.89
C ALA A 274 -16.70 -22.81 1.31
N SER A 275 -16.69 -22.04 2.41
CA SER A 275 -17.85 -21.23 2.88
C SER A 275 -18.22 -20.20 1.82
N LEU A 276 -17.24 -19.43 1.37
CA LEU A 276 -17.44 -18.36 0.38
C LEU A 276 -18.09 -18.96 -0.89
N ALA A 277 -17.68 -20.15 -1.29
CA ALA A 277 -18.13 -20.79 -2.55
C ALA A 277 -19.62 -21.14 -2.45
N GLU A 278 -20.13 -21.35 -1.24
CA GLU A 278 -21.56 -21.72 -1.00
C GLU A 278 -22.44 -20.50 -0.70
N ARG A 279 -21.89 -19.29 -0.67
CA ARG A 279 -22.65 -18.05 -0.31
C ARG A 279 -23.52 -17.61 -1.48
N GLY B 1 7.41 13.27 12.50
CA GLY B 1 7.20 12.33 11.37
C GLY B 1 8.14 12.65 10.22
N SER B 2 8.26 11.73 9.27
CA SER B 2 9.11 11.89 8.06
C SER B 2 8.51 11.05 6.94
N HIS B 3 8.41 11.61 5.73
CA HIS B 3 7.90 10.85 4.56
C HIS B 3 8.90 9.73 4.23
N MET B 4 10.18 10.05 4.13
CA MET B 4 11.23 9.07 3.73
C MET B 4 11.24 7.87 4.67
N SER B 5 10.91 8.05 5.96
CA SER B 5 10.72 6.93 6.93
C SER B 5 9.63 5.99 6.41
N TRP B 6 8.49 6.52 5.94
CA TRP B 6 7.39 5.69 5.36
C TRP B 6 7.90 5.01 4.07
N VAL B 7 8.51 5.77 3.15
CA VAL B 7 9.04 5.28 1.85
C VAL B 7 9.96 4.08 2.11
N GLN B 8 10.82 4.19 3.13
CA GLN B 8 11.71 3.09 3.58
C GLN B 8 10.84 1.89 4.00
N LEU B 9 9.85 2.10 4.87
CA LEU B 9 8.94 1.02 5.38
C LEU B 9 8.14 0.41 4.23
N ALA B 10 7.74 1.23 3.24
CA ALA B 10 7.03 0.81 2.00
C ALA B 10 8.05 0.47 0.91
N THR B 13 7.03 6.17 -5.79
CA THR B 13 7.86 6.57 -4.62
C THR B 13 9.23 7.12 -5.09
N GLY B 14 9.49 7.07 -6.40
CA GLY B 14 10.82 7.28 -7.03
C GLY B 14 11.34 8.70 -6.95
N SER B 15 10.48 9.72 -6.95
CA SER B 15 10.88 11.15 -7.11
C SER B 15 11.40 11.76 -5.79
N PHE B 16 11.25 11.10 -4.64
CA PHE B 16 11.65 11.69 -3.34
C PHE B 16 12.93 11.03 -2.81
N LYS B 17 13.81 11.84 -2.23
CA LYS B 17 15.10 11.41 -1.64
C LYS B 17 15.26 12.09 -0.27
N ALA B 18 15.83 11.40 0.71
CA ALA B 18 16.05 11.97 2.06
C ALA B 18 16.95 13.19 1.95
N ALA B 19 16.69 14.22 2.75
CA ALA B 19 17.45 15.48 2.79
C ALA B 19 18.45 15.41 3.95
N GLY B 20 19.62 16.03 3.79
CA GLY B 20 20.64 16.13 4.85
C GLY B 20 20.12 16.86 6.07
N THR B 21 19.29 17.90 5.86
CA THR B 21 18.78 18.83 6.89
C THR B 21 17.50 18.27 7.53
N SER B 22 17.40 18.36 8.87
CA SER B 22 16.20 17.96 9.65
C SER B 22 14.96 18.71 9.10
N GLY B 23 13.84 18.00 9.01
CA GLY B 23 12.52 18.57 8.67
C GLY B 23 12.36 18.89 7.19
N LEU B 24 13.34 18.57 6.33
CA LEU B 24 13.27 18.83 4.87
C LEU B 24 13.19 17.50 4.14
N ILE B 25 12.85 17.56 2.86
CA ILE B 25 12.78 16.38 1.96
C ILE B 25 13.10 16.87 0.56
N LEU B 26 13.65 16.02 -0.29
CA LEU B 26 14.03 16.41 -1.66
C LEU B 26 13.07 15.74 -2.63
N LYS B 27 12.63 16.49 -3.63
CA LYS B 27 11.79 15.98 -4.74
C LYS B 27 12.53 16.25 -6.05
N ARG B 28 12.58 15.27 -6.95
CA ARG B 28 13.22 15.44 -8.28
C ARG B 28 12.66 16.72 -8.91
N CYS B 29 13.55 17.61 -9.36
CA CYS B 29 13.20 18.94 -9.92
C CYS B 29 12.63 18.80 -11.33
N SER B 30 11.46 19.40 -11.56
CA SER B 30 10.82 19.59 -12.89
C SER B 30 10.54 21.09 -13.04
N GLU B 31 10.74 21.66 -14.23
CA GLU B 31 10.81 23.14 -14.43
C GLU B 31 9.47 23.81 -14.11
N PRO B 32 8.31 23.19 -14.47
CA PRO B 32 7.01 23.79 -14.13
C PRO B 32 6.84 23.82 -12.61
N GLU B 33 7.16 22.71 -11.93
CA GLU B 33 6.96 22.62 -10.46
C GLU B 33 7.83 23.67 -9.78
N ARG B 34 9.12 23.79 -10.15
CA ARG B 34 10.04 24.82 -9.61
C ARG B 34 9.46 26.22 -9.82
N TYR B 35 9.09 26.56 -11.06
CA TYR B 35 8.49 27.86 -11.43
C TYR B 35 7.31 28.16 -10.49
N CYS B 36 6.39 27.21 -10.34
CA CYS B 36 5.19 27.30 -9.46
C CYS B 36 5.59 27.58 -8.00
N LEU B 37 6.45 26.74 -7.41
CA LEU B 37 6.80 26.84 -5.96
C LEU B 37 7.49 28.17 -5.65
N ALA B 38 8.33 28.67 -6.57
CA ALA B 38 8.99 29.99 -6.48
C ALA B 38 7.91 31.08 -6.36
N ARG B 39 6.93 31.04 -7.26
CA ARG B 39 5.79 32.01 -7.32
C ARG B 39 4.97 31.88 -6.03
N LEU B 40 4.70 30.65 -5.59
CA LEU B 40 3.81 30.39 -4.42
C LEU B 40 4.42 30.95 -3.14
N MET B 41 5.76 31.02 -3.01
CA MET B 41 6.40 31.53 -1.78
C MET B 41 6.13 33.04 -1.62
N ALA B 42 5.80 33.75 -2.72
CA ALA B 42 5.49 35.20 -2.76
C ALA B 42 3.98 35.44 -2.91
N ASP B 43 3.16 34.39 -2.86
CA ASP B 43 1.70 34.44 -3.11
C ASP B 43 0.91 34.35 -1.79
N ALA B 44 -0.37 34.77 -1.80
CA ALA B 44 -1.34 34.48 -0.72
C ALA B 44 -1.28 32.99 -0.30
N LEU B 45 -1.03 32.06 -1.24
CA LEU B 45 -1.01 30.59 -0.96
C LEU B 45 0.24 30.12 -0.23
N ARG B 46 1.15 31.03 0.14
CA ARG B 46 2.46 30.67 0.74
C ARG B 46 2.27 29.65 1.88
N GLY B 47 1.33 29.92 2.80
CA GLY B 47 1.08 29.09 4.00
C GLY B 47 0.35 27.78 3.68
N CYS B 48 -0.16 27.64 2.47
CA CYS B 48 -1.02 26.49 2.08
C CYS B 48 -0.22 25.43 1.31
N VAL B 49 1.08 25.66 1.12
CA VAL B 49 1.92 24.78 0.27
C VAL B 49 3.20 24.51 1.04
N PRO B 50 3.92 23.41 0.76
CA PRO B 50 5.17 23.17 1.47
C PRO B 50 6.16 24.29 1.17
N ALA B 51 6.89 24.73 2.20
CA ALA B 51 8.04 25.65 2.05
C ALA B 51 8.96 25.09 0.95
N PHE B 52 9.36 25.96 0.01
CA PHE B 52 10.33 25.69 -1.07
C PHE B 52 11.58 26.55 -0.80
N HIS B 53 12.73 25.89 -0.61
CA HIS B 53 13.98 26.53 -0.12
C HIS B 53 15.01 26.72 -1.25
N GLY B 54 14.73 26.19 -2.44
CA GLY B 54 15.60 26.32 -3.63
C GLY B 54 15.93 24.96 -4.19
N VAL B 55 16.77 24.93 -5.23
CA VAL B 55 17.16 23.70 -5.96
C VAL B 55 18.59 23.33 -5.54
N VAL B 56 18.83 22.06 -5.22
CA VAL B 56 20.15 21.52 -4.80
C VAL B 56 20.50 20.32 -5.70
N GLU B 57 21.80 20.15 -5.98
CA GLU B 57 22.35 19.00 -6.74
C GLU B 57 22.75 17.93 -5.72
N ARG B 58 22.09 16.78 -5.72
CA ARG B 58 22.46 15.61 -4.88
C ARG B 58 22.84 14.47 -5.82
N ASP B 59 24.15 14.22 -5.92
CA ASP B 59 24.77 13.07 -6.65
C ASP B 59 24.25 13.04 -8.08
N GLY B 60 24.54 14.10 -8.86
CA GLY B 60 24.30 14.15 -10.31
C GLY B 60 23.03 14.88 -10.69
N GLU B 61 21.94 14.72 -9.92
CA GLU B 61 20.57 15.16 -10.31
C GLU B 61 20.16 16.41 -9.52
N SER B 62 19.19 17.14 -10.06
CA SER B 62 18.63 18.41 -9.52
C SER B 62 17.38 18.10 -8.69
N TYR B 63 17.30 18.62 -7.46
CA TYR B 63 16.24 18.27 -6.49
C TYR B 63 15.65 19.55 -5.88
N LEU B 64 14.32 19.61 -5.77
CA LEU B 64 13.61 20.64 -4.98
C LEU B 64 13.85 20.37 -3.49
N GLN B 65 14.35 21.35 -2.75
CA GLN B 65 14.45 21.26 -1.28
C GLN B 65 13.13 21.78 -0.67
N LEU B 66 12.34 20.87 -0.10
CA LEU B 66 10.95 21.14 0.38
C LEU B 66 10.88 20.88 1.89
N GLN B 67 10.03 21.63 2.58
CA GLN B 67 9.48 21.26 3.91
C GLN B 67 8.93 19.83 3.83
N ASP B 68 9.27 18.98 4.80
CA ASP B 68 8.65 17.65 5.00
C ASP B 68 7.41 17.88 5.87
N LEU B 69 6.23 17.78 5.25
CA LEU B 69 4.94 18.16 5.89
C LEU B 69 4.65 17.22 7.06
N LEU B 70 5.29 16.05 7.15
CA LEU B 70 5.04 15.11 8.26
C LEU B 70 5.89 15.47 9.48
N ASP B 71 6.83 16.40 9.35
CA ASP B 71 7.83 16.65 10.43
C ASP B 71 7.12 17.01 11.74
N GLY B 72 6.03 17.76 11.71
CA GLY B 72 5.41 18.27 12.95
C GLY B 72 4.44 17.29 13.59
N PHE B 73 4.38 16.03 13.15
CA PHE B 73 3.38 15.02 13.60
C PHE B 73 4.11 13.84 14.22
N ASP B 74 3.43 13.12 15.09
N ASP B 74 3.42 13.10 15.08
CA ASP B 74 3.95 11.86 15.68
CA ASP B 74 3.94 11.85 15.69
C ASP B 74 3.18 10.67 15.08
C ASP B 74 3.18 10.67 15.08
N GLY B 75 3.81 9.98 14.13
CA GLY B 75 3.22 8.79 13.47
C GLY B 75 1.99 9.21 12.67
N PRO B 76 2.16 10.13 11.70
CA PRO B 76 1.00 10.69 10.99
C PRO B 76 0.34 9.69 10.03
N CYS B 77 -0.97 9.84 9.89
CA CYS B 77 -1.86 9.24 8.86
C CYS B 77 -1.98 10.24 7.73
N VAL B 78 -1.99 9.78 6.48
CA VAL B 78 -1.91 10.69 5.30
C VAL B 78 -2.92 10.26 4.26
N LEU B 79 -3.74 11.20 3.78
CA LEU B 79 -4.71 10.95 2.69
C LEU B 79 -4.40 11.95 1.58
N ASP B 80 -4.21 11.43 0.37
CA ASP B 80 -3.85 12.19 -0.85
C ASP B 80 -5.12 12.27 -1.71
N CYS B 81 -5.59 13.50 -1.92
CA CYS B 81 -6.81 13.82 -2.70
C CYS B 81 -6.43 14.56 -3.99
N LYS B 82 -6.62 13.96 -5.16
CA LYS B 82 -6.28 14.63 -6.43
C LYS B 82 -7.39 15.60 -6.81
N MET B 83 -7.04 16.87 -7.06
CA MET B 83 -8.04 17.96 -7.25
C MET B 83 -8.26 18.23 -8.76
N GLY B 84 -9.52 18.41 -9.16
CA GLY B 84 -9.89 18.82 -10.52
C GLY B 84 -10.88 17.86 -11.15
N VAL B 85 -11.66 18.37 -12.09
CA VAL B 85 -12.54 17.56 -12.98
C VAL B 85 -11.68 16.93 -14.07
N ARG B 86 -10.55 17.56 -14.37
CA ARG B 86 -9.61 17.18 -15.46
C ARG B 86 -8.22 16.94 -14.87
N THR B 87 -7.57 15.86 -15.27
CA THR B 87 -6.29 15.37 -14.71
C THR B 87 -5.18 15.33 -15.77
N TYR B 88 -5.36 15.96 -16.94
CA TYR B 88 -4.37 16.00 -18.05
C TYR B 88 -4.43 17.37 -18.71
N LEU B 89 -3.33 17.79 -19.35
CA LEU B 89 -3.24 19.09 -20.04
C LEU B 89 -3.95 18.97 -21.40
N GLU B 90 -4.46 20.10 -21.92
CA GLU B 90 -5.17 20.15 -23.22
C GLU B 90 -4.18 19.82 -24.35
N GLU B 91 -2.90 20.16 -24.14
CA GLU B 91 -1.76 19.81 -25.04
C GLU B 91 -1.82 18.33 -25.42
N GLU B 92 -2.27 17.46 -24.51
CA GLU B 92 -2.31 15.98 -24.69
C GLU B 92 -3.31 15.57 -25.76
N LEU B 93 -4.41 16.32 -25.94
CA LEU B 93 -5.53 15.92 -26.83
C LEU B 93 -5.06 16.02 -28.29
N THR B 94 -5.21 14.92 -29.04
CA THR B 94 -4.66 14.72 -30.41
C THR B 94 -5.72 14.06 -31.29
N ASP B 105 0.11 -0.77 -21.48
CA ASP B 105 0.49 0.03 -20.28
C ASP B 105 -0.80 0.60 -19.66
N MET B 106 -1.28 1.75 -20.17
CA MET B 106 -2.56 2.37 -19.74
C MET B 106 -3.71 1.44 -20.13
N TYR B 107 -3.62 0.84 -21.32
CA TYR B 107 -4.66 -0.03 -21.92
C TYR B 107 -5.04 -1.15 -20.94
N LYS B 108 -4.03 -1.68 -20.25
CA LYS B 108 -4.12 -2.96 -19.49
C LYS B 108 -5.30 -2.93 -18.52
N LYS B 109 -5.49 -1.81 -17.82
CA LYS B 109 -6.33 -1.78 -16.58
C LYS B 109 -7.82 -1.87 -16.95
N MET B 110 -8.27 -1.18 -18.00
CA MET B 110 -9.72 -0.95 -18.27
C MET B 110 -10.44 -2.29 -18.52
N LEU B 111 -9.88 -3.16 -19.36
CA LEU B 111 -10.53 -4.43 -19.79
C LEU B 111 -10.85 -5.30 -18.56
N ALA B 112 -9.91 -5.42 -17.61
CA ALA B 112 -10.09 -6.26 -16.40
C ALA B 112 -11.22 -5.67 -15.56
N VAL B 113 -11.12 -4.39 -15.19
CA VAL B 113 -12.11 -3.70 -14.30
C VAL B 113 -13.46 -3.62 -15.00
N ASP B 114 -13.51 -3.11 -16.23
CA ASP B 114 -14.75 -3.05 -17.04
C ASP B 114 -14.44 -3.40 -18.50
N PRO B 115 -14.92 -4.57 -18.99
CA PRO B 115 -14.69 -4.98 -20.37
C PRO B 115 -15.27 -4.00 -21.41
N GLU B 116 -16.39 -3.35 -21.08
CA GLU B 116 -17.10 -2.39 -21.96
C GLU B 116 -16.21 -1.17 -22.23
N ALA B 117 -15.36 -0.78 -21.29
CA ALA B 117 -14.58 0.49 -21.29
C ALA B 117 -13.67 0.56 -22.51
N PRO B 118 -12.78 -0.43 -22.77
CA PRO B 118 -11.97 -0.43 -23.99
C PRO B 118 -12.74 -0.17 -25.29
N ALA B 127 -4.49 -1.18 -27.09
CA ALA B 127 -3.83 0.08 -26.69
C ALA B 127 -4.85 1.23 -26.69
N VAL B 128 -4.73 2.15 -25.71
CA VAL B 128 -5.63 3.32 -25.51
C VAL B 128 -4.77 4.59 -25.59
N THR B 129 -5.37 5.74 -25.89
CA THR B 129 -4.69 7.06 -25.86
C THR B 129 -4.56 7.47 -24.37
N LYS B 130 -3.62 8.37 -24.04
CA LYS B 130 -3.41 8.87 -22.66
C LYS B 130 -4.66 9.63 -22.19
N PRO B 131 -5.12 10.65 -22.94
CA PRO B 131 -6.36 11.35 -22.60
C PRO B 131 -7.51 10.38 -22.28
N ARG B 132 -7.74 9.39 -23.15
CA ARG B 132 -8.89 8.46 -23.03
C ARG B 132 -8.78 7.65 -21.73
N TYR B 133 -7.57 7.23 -21.37
CA TYR B 133 -7.34 6.50 -20.09
C TYR B 133 -7.67 7.44 -18.91
N MET B 134 -7.25 8.70 -19.00
CA MET B 134 -7.38 9.69 -17.89
C MET B 134 -8.84 10.12 -17.78
N GLN B 135 -9.53 10.27 -18.92
CA GLN B 135 -10.99 10.58 -18.98
C GLN B 135 -11.80 9.42 -18.38
N TRP B 136 -11.38 8.18 -18.63
N TRP B 136 -11.38 8.18 -18.61
CA TRP B 136 -12.04 6.96 -18.09
CA TRP B 136 -12.08 6.99 -18.08
C TRP B 136 -11.85 6.91 -16.56
C TRP B 136 -11.85 6.91 -16.56
N ARG B 137 -10.62 7.15 -16.10
CA ARG B 137 -10.26 7.16 -14.65
C ARG B 137 -11.09 8.24 -13.95
N GLU B 138 -11.27 9.38 -14.63
CA GLU B 138 -12.07 10.52 -14.13
C GLU B 138 -13.52 10.05 -13.92
N GLY B 139 -14.04 9.19 -14.80
CA GLY B 139 -15.48 8.83 -14.83
C GLY B 139 -15.87 7.76 -13.83
N ILE B 140 -14.99 6.78 -13.54
CA ILE B 140 -15.29 5.65 -12.61
C ILE B 140 -14.98 6.08 -11.16
N SER B 141 -14.18 7.15 -10.99
CA SER B 141 -13.93 7.81 -9.68
C SER B 141 -14.89 9.00 -9.53
N SER B 142 -14.73 9.78 -8.45
CA SER B 142 -15.48 11.04 -8.21
C SER B 142 -14.97 12.23 -9.03
N SER B 143 -13.86 12.13 -9.80
CA SER B 143 -13.26 13.32 -10.48
C SER B 143 -14.30 14.05 -11.36
N THR B 144 -14.96 13.37 -12.28
CA THR B 144 -15.86 14.02 -13.28
C THR B 144 -17.05 14.71 -12.58
N THR B 145 -17.68 14.05 -11.61
CA THR B 145 -18.93 14.53 -10.97
C THR B 145 -18.61 15.47 -9.79
N LEU B 146 -17.58 15.21 -8.97
CA LEU B 146 -17.33 15.96 -7.69
C LEU B 146 -16.12 16.90 -7.79
N GLY B 147 -15.21 16.68 -8.74
CA GLY B 147 -14.05 17.56 -9.00
C GLY B 147 -12.88 17.26 -8.11
N PHE B 148 -12.84 16.06 -7.53
CA PHE B 148 -11.67 15.52 -6.79
C PHE B 148 -11.82 14.00 -6.74
N ARG B 149 -10.75 13.32 -6.37
CA ARG B 149 -10.82 11.89 -6.03
C ARG B 149 -9.72 11.53 -5.05
N ILE B 150 -10.06 10.62 -4.15
CA ILE B 150 -9.12 10.02 -3.18
C ILE B 150 -8.17 9.11 -3.95
N GLU B 151 -6.86 9.36 -3.84
CA GLU B 151 -5.81 8.56 -4.51
C GLU B 151 -5.31 7.48 -3.56
N GLY B 152 -5.16 7.79 -2.27
CA GLY B 152 -4.65 6.77 -1.33
C GLY B 152 -4.47 7.28 0.08
N ILE B 153 -4.26 6.33 0.97
CA ILE B 153 -4.03 6.59 2.41
C ILE B 153 -2.74 5.88 2.82
N LYS B 154 -1.92 6.54 3.63
CA LYS B 154 -0.67 5.98 4.20
C LYS B 154 -0.75 6.11 5.72
N LYS B 155 -0.25 5.11 6.44
CA LYS B 155 -0.08 5.18 7.92
C LYS B 155 1.41 4.99 8.25
N ALA B 156 1.90 5.59 9.35
CA ALA B 156 3.35 5.71 9.63
C ALA B 156 3.95 4.32 9.93
N ASP B 157 3.12 3.35 10.34
CA ASP B 157 3.50 1.92 10.51
C ASP B 157 3.95 1.32 9.16
N GLY B 158 3.60 1.95 8.05
CA GLY B 158 4.02 1.55 6.69
C GLY B 158 2.83 1.08 5.86
N SER B 159 1.69 0.82 6.52
CA SER B 159 0.42 0.36 5.91
C SER B 159 -0.03 1.39 4.86
N CYS B 160 -0.67 0.96 3.77
CA CYS B 160 -1.16 1.91 2.75
C CYS B 160 -2.17 1.25 1.84
N SER B 161 -3.01 2.08 1.24
CA SER B 161 -4.04 1.63 0.29
C SER B 161 -4.16 2.68 -0.80
N THR B 162 -4.21 2.20 -2.05
CA THR B 162 -4.60 2.99 -3.24
C THR B 162 -5.87 2.40 -3.86
N ASP B 163 -6.63 1.60 -3.10
CA ASP B 163 -7.81 0.83 -3.60
C ASP B 163 -9.04 1.74 -3.57
N PHE B 164 -9.05 2.78 -4.41
CA PHE B 164 -10.10 3.84 -4.42
C PHE B 164 -10.53 4.19 -5.84
N LYS B 165 -10.16 3.38 -6.84
CA LYS B 165 -10.31 3.72 -8.27
C LYS B 165 -11.79 3.82 -8.65
N THR B 166 -12.68 3.13 -7.93
CA THR B 166 -14.15 3.15 -8.17
C THR B 166 -14.87 3.83 -7.00
N THR B 167 -14.16 4.64 -6.20
CA THR B 167 -14.80 5.46 -5.14
C THR B 167 -15.35 6.71 -5.83
N ARG B 168 -16.67 6.82 -5.94
N ARG B 168 -16.68 6.82 -5.97
CA ARG B 168 -17.33 7.76 -6.88
CA ARG B 168 -17.31 7.82 -6.88
C ARG B 168 -18.43 8.59 -6.21
C ARG B 168 -18.43 8.61 -6.20
N SER B 169 -19.35 7.96 -5.50
CA SER B 169 -20.55 8.62 -4.94
C SER B 169 -20.14 9.48 -3.73
N ARG B 170 -20.97 10.48 -3.41
N ARG B 170 -20.98 10.45 -3.39
CA ARG B 170 -20.85 11.35 -2.21
CA ARG B 170 -20.81 11.32 -2.20
C ARG B 170 -20.68 10.47 -0.96
C ARG B 170 -20.65 10.44 -0.96
N GLU B 171 -21.60 9.51 -0.75
CA GLU B 171 -21.60 8.63 0.45
C GLU B 171 -20.34 7.74 0.47
N GLN B 172 -19.88 7.22 -0.68
CA GLN B 172 -18.65 6.39 -0.75
C GLN B 172 -17.43 7.20 -0.29
N VAL B 173 -17.33 8.44 -0.75
CA VAL B 173 -16.19 9.32 -0.37
C VAL B 173 -16.28 9.62 1.13
N LEU B 174 -17.47 9.96 1.62
CA LEU B 174 -17.69 10.23 3.06
C LEU B 174 -17.19 9.03 3.87
N ARG B 175 -17.52 7.80 3.45
CA ARG B 175 -17.17 6.59 4.24
C ARG B 175 -15.65 6.43 4.27
N VAL B 176 -14.94 6.77 3.20
CA VAL B 176 -13.45 6.73 3.21
C VAL B 176 -12.95 7.74 4.27
N PHE B 177 -13.42 8.98 4.23
CA PHE B 177 -12.99 10.00 5.22
C PHE B 177 -13.36 9.56 6.63
N GLU B 178 -14.56 9.01 6.81
CA GLU B 178 -15.03 8.49 8.12
C GLU B 178 -14.01 7.49 8.66
N GLU B 179 -13.61 6.52 7.84
CA GLU B 179 -12.62 5.49 8.24
C GLU B 179 -11.26 6.17 8.51
N PHE B 180 -10.87 7.13 7.68
CA PHE B 180 -9.55 7.80 7.76
C PHE B 180 -9.40 8.51 9.12
N VAL B 181 -10.43 9.22 9.60
CA VAL B 181 -10.32 10.05 10.83
C VAL B 181 -10.62 9.22 12.08
N GLN B 182 -11.31 8.08 11.93
CA GLN B 182 -11.52 7.08 13.02
C GLN B 182 -12.18 7.74 14.24
N GLY B 183 -13.24 8.52 14.02
CA GLY B 183 -14.10 9.09 15.07
C GLY B 183 -13.46 10.25 15.83
N ASP B 184 -12.29 10.73 15.38
CA ASP B 184 -11.59 11.87 16.03
C ASP B 184 -12.29 13.17 15.62
N GLU B 185 -13.18 13.69 16.48
CA GLU B 185 -14.01 14.90 16.20
C GLU B 185 -13.12 16.14 16.07
N GLU B 186 -12.06 16.23 16.87
CA GLU B 186 -11.13 17.40 16.88
C GLU B 186 -10.38 17.45 15.55
N VAL B 187 -9.88 16.31 15.08
CA VAL B 187 -9.13 16.23 13.80
C VAL B 187 -10.07 16.68 12.69
N LEU B 188 -11.30 16.17 12.67
CA LEU B 188 -12.28 16.50 11.60
C LEU B 188 -12.58 18.00 11.64
N ARG B 189 -12.76 18.57 12.83
CA ARG B 189 -13.06 20.02 13.03
C ARG B 189 -11.86 20.81 12.46
N ARG B 190 -10.64 20.37 12.75
CA ARG B 190 -9.40 21.08 12.33
C ARG B 190 -9.23 20.99 10.81
N TYR B 191 -9.52 19.83 10.24
CA TYR B 191 -9.52 19.69 8.76
C TYR B 191 -10.53 20.67 8.14
N LEU B 192 -11.74 20.76 8.66
CA LEU B 192 -12.78 21.61 8.05
C LEU B 192 -12.34 23.09 8.19
N ASN B 193 -11.77 23.46 9.33
CA ASN B 193 -11.30 24.86 9.54
C ASN B 193 -10.23 25.17 8.51
N ARG B 194 -9.28 24.25 8.29
CA ARG B 194 -8.13 24.49 7.39
C ARG B 194 -8.67 24.61 5.96
N LEU B 195 -9.62 23.75 5.56
CA LEU B 195 -10.16 23.76 4.18
C LEU B 195 -10.90 25.08 3.89
N GLN B 196 -11.70 25.54 4.84
CA GLN B 196 -12.43 26.83 4.75
C GLN B 196 -11.39 27.94 4.50
N GLN B 197 -10.31 27.94 5.27
CA GLN B 197 -9.24 28.96 5.16
C GLN B 197 -8.50 28.83 3.82
N ILE B 198 -8.19 27.62 3.38
CA ILE B 198 -7.55 27.40 2.05
C ILE B 198 -8.49 27.96 0.98
N ARG B 199 -9.79 27.68 1.07
CA ARG B 199 -10.74 28.13 0.03
C ARG B 199 -10.70 29.66 -0.05
N ASP B 200 -10.70 30.35 1.09
CA ASP B 200 -10.66 31.84 1.17
C ASP B 200 -9.36 32.34 0.52
N THR B 201 -8.25 31.64 0.75
CA THR B 201 -6.91 32.01 0.21
C THR B 201 -6.87 31.81 -1.32
N LEU B 202 -7.37 30.69 -1.81
CA LEU B 202 -7.46 30.42 -3.27
C LEU B 202 -8.29 31.50 -3.96
N GLU B 203 -9.42 31.89 -3.37
CA GLU B 203 -10.34 32.88 -3.99
C GLU B 203 -9.67 34.25 -4.20
N VAL B 204 -8.60 34.56 -3.48
CA VAL B 204 -7.93 35.89 -3.58
C VAL B 204 -6.54 35.76 -4.23
N SER B 205 -6.01 34.55 -4.36
CA SER B 205 -4.63 34.29 -4.84
C SER B 205 -4.43 34.81 -6.27
N GLU B 206 -3.44 35.68 -6.45
CA GLU B 206 -2.98 36.17 -7.79
C GLU B 206 -2.48 34.97 -8.60
N PHE B 207 -1.71 34.08 -7.98
CA PHE B 207 -1.21 32.84 -8.62
C PHE B 207 -2.39 32.02 -9.14
N PHE B 208 -3.35 31.72 -8.27
CA PHE B 208 -4.45 30.77 -8.58
C PHE B 208 -5.31 31.28 -9.75
N ARG B 209 -5.62 32.56 -9.79
CA ARG B 209 -6.51 33.12 -10.85
C ARG B 209 -5.81 33.05 -12.23
N ARG B 210 -4.47 33.08 -12.26
CA ARG B 210 -3.69 33.16 -13.52
C ARG B 210 -3.06 31.81 -13.91
N HIS B 211 -3.43 30.70 -13.23
CA HIS B 211 -2.82 29.38 -13.52
C HIS B 211 -3.87 28.30 -13.64
N GLU B 212 -3.65 27.39 -14.59
CA GLU B 212 -4.40 26.12 -14.76
C GLU B 212 -3.77 25.10 -13.80
N VAL B 213 -4.56 24.55 -12.88
CA VAL B 213 -4.02 23.72 -11.78
C VAL B 213 -4.49 22.29 -12.00
N ILE B 214 -3.67 21.50 -12.70
CA ILE B 214 -4.01 20.11 -13.10
C ILE B 214 -3.05 19.16 -12.39
N GLY B 215 -3.56 18.06 -11.85
CA GLY B 215 -2.76 16.97 -11.26
C GLY B 215 -2.22 17.29 -9.86
N SER B 216 -2.63 18.40 -9.24
CA SER B 216 -2.23 18.71 -7.84
C SER B 216 -3.12 17.93 -6.86
N SER B 217 -2.66 17.81 -5.62
CA SER B 217 -3.37 17.08 -4.55
C SER B 217 -3.58 18.00 -3.35
N LEU B 218 -4.61 17.72 -2.57
CA LEU B 218 -4.62 18.18 -1.17
C LEU B 218 -4.10 17.03 -0.34
N LEU B 219 -3.14 17.29 0.53
CA LEU B 219 -2.58 16.25 1.41
C LEU B 219 -3.09 16.51 2.83
N PHE B 220 -3.92 15.60 3.32
CA PHE B 220 -4.46 15.60 4.69
C PHE B 220 -3.52 14.81 5.58
N VAL B 221 -3.10 15.44 6.67
CA VAL B 221 -2.16 14.80 7.64
C VAL B 221 -2.73 14.96 9.06
N HIS B 222 -2.81 13.85 9.80
CA HIS B 222 -3.20 13.94 11.22
C HIS B 222 -2.49 12.87 12.04
N ASP B 223 -2.55 13.02 13.36
CA ASP B 223 -1.91 12.07 14.30
C ASP B 223 -2.81 11.83 15.51
N HIS B 224 -2.36 10.90 16.36
CA HIS B 224 -3.15 10.41 17.51
C HIS B 224 -3.19 11.48 18.61
N CYS B 225 -2.34 12.51 18.49
CA CYS B 225 -2.33 13.73 19.37
C CYS B 225 -3.32 14.79 18.86
N HIS B 226 -4.13 14.45 17.85
CA HIS B 226 -5.18 15.29 17.23
C HIS B 226 -4.60 16.45 16.43
N ARG B 227 -3.31 16.49 16.14
CA ARG B 227 -2.72 17.47 15.18
C ARG B 227 -3.33 17.17 13.81
N ALA B 228 -3.67 18.20 13.05
CA ALA B 228 -4.24 18.05 11.69
C ALA B 228 -3.78 19.20 10.83
N GLY B 229 -3.40 18.87 9.60
CA GLY B 229 -2.98 19.86 8.60
C GLY B 229 -3.44 19.45 7.22
N VAL B 230 -3.52 20.43 6.32
CA VAL B 230 -3.82 20.18 4.90
C VAL B 230 -2.94 21.13 4.09
N TRP B 231 -2.33 20.64 3.03
CA TRP B 231 -1.52 21.45 2.09
C TRP B 231 -1.83 21.06 0.65
N LEU B 232 -1.66 22.00 -0.26
CA LEU B 232 -1.59 21.72 -1.72
C LEU B 232 -0.19 21.22 -2.02
N ILE B 233 -0.10 20.14 -2.78
CA ILE B 233 1.20 19.61 -3.29
C ILE B 233 1.07 19.29 -4.79
N ASP B 234 2.22 19.18 -5.45
CA ASP B 234 2.41 18.66 -6.82
C ASP B 234 1.94 19.66 -7.87
N PHE B 235 2.84 20.54 -8.29
CA PHE B 235 2.58 21.62 -9.27
C PHE B 235 3.27 21.26 -10.58
N GLY B 236 3.48 19.97 -10.82
CA GLY B 236 4.15 19.42 -12.01
C GLY B 236 3.41 19.74 -13.30
N LYS B 237 2.07 19.85 -13.24
CA LYS B 237 1.23 20.10 -14.43
C LYS B 237 0.37 21.35 -14.23
N THR B 238 0.86 22.30 -13.41
CA THR B 238 0.27 23.64 -13.20
C THR B 238 1.00 24.64 -14.11
N THR B 239 0.28 25.33 -15.00
CA THR B 239 0.89 26.19 -16.06
C THR B 239 0.16 27.52 -16.15
N PRO B 240 0.89 28.61 -16.50
CA PRO B 240 0.31 29.95 -16.59
C PRO B 240 -0.61 30.08 -17.81
N LEU B 241 -1.56 31.00 -17.70
CA LEU B 241 -2.46 31.42 -18.81
C LEU B 241 -1.77 32.56 -19.57
N PRO B 242 -2.12 32.80 -20.85
CA PRO B 242 -1.66 33.97 -21.58
C PRO B 242 -1.94 35.28 -20.81
N ASP B 243 -1.10 36.30 -21.00
CA ASP B 243 -1.21 37.59 -20.25
C ASP B 243 -2.65 38.12 -20.35
N GLY B 244 -3.17 38.65 -19.25
CA GLY B 244 -4.52 39.23 -19.14
C GLY B 244 -5.61 38.18 -19.29
N GLN B 245 -5.34 36.93 -18.88
CA GLN B 245 -6.29 35.79 -18.96
C GLN B 245 -6.39 35.13 -17.58
N ILE B 246 -7.61 34.89 -17.11
CA ILE B 246 -7.89 34.27 -15.77
C ILE B 246 -8.84 33.09 -15.92
N LEU B 247 -8.83 32.19 -14.93
CA LEU B 247 -9.82 31.09 -14.77
C LEU B 247 -10.68 31.40 -13.54
N ASP B 248 -11.91 30.89 -13.48
CA ASP B 248 -12.74 31.01 -12.26
C ASP B 248 -12.68 29.70 -11.46
N HIS B 249 -12.31 28.58 -12.09
CA HIS B 249 -12.01 27.30 -11.39
C HIS B 249 -13.29 26.61 -10.87
N ARG B 250 -14.47 27.06 -11.30
CA ARG B 250 -15.75 26.39 -10.95
C ARG B 250 -16.48 25.93 -12.22
N ARG B 251 -16.44 26.70 -13.30
CA ARG B 251 -17.24 26.39 -14.52
C ARG B 251 -16.76 25.09 -15.17
N PRO B 252 -17.62 24.38 -15.93
CA PRO B 252 -17.25 23.16 -16.62
C PRO B 252 -16.07 23.34 -17.59
N TRP B 253 -15.21 22.33 -17.68
CA TRP B 253 -14.08 22.38 -18.64
C TRP B 253 -14.65 22.18 -20.06
N GLU B 254 -14.28 23.06 -20.98
CA GLU B 254 -14.57 22.90 -22.43
C GLU B 254 -13.27 23.09 -23.17
N GLU B 255 -12.87 22.13 -23.98
CA GLU B 255 -11.54 22.14 -24.65
C GLU B 255 -11.25 23.54 -25.20
N GLY B 256 -10.18 24.16 -24.71
CA GLY B 256 -9.71 25.49 -25.14
C GLY B 256 -9.87 26.52 -24.05
N ASN B 257 -10.79 26.31 -23.10
CA ASN B 257 -11.00 27.28 -21.97
C ASN B 257 -10.06 26.96 -20.79
N ARG B 258 -9.45 25.77 -20.75
CA ARG B 258 -8.37 25.40 -19.78
C ARG B 258 -8.90 25.40 -18.33
N GLU B 259 -10.22 25.30 -18.11
CA GLU B 259 -10.84 25.23 -16.75
C GLU B 259 -10.56 23.86 -16.14
N ASP B 260 -10.35 23.82 -14.82
CA ASP B 260 -9.83 22.61 -14.11
C ASP B 260 -10.85 22.14 -13.07
N GLY B 261 -11.89 22.93 -12.76
CA GLY B 261 -12.90 22.57 -11.74
C GLY B 261 -12.30 22.45 -10.34
N TYR B 262 -11.15 23.06 -10.09
CA TYR B 262 -10.46 22.93 -8.78
C TYR B 262 -11.42 23.30 -7.64
N LEU B 263 -12.07 24.46 -7.74
CA LEU B 263 -12.89 25.02 -6.63
C LEU B 263 -14.22 24.28 -6.58
N LEU B 264 -14.67 23.70 -7.68
CA LEU B 264 -15.84 22.80 -7.65
C LEU B 264 -15.48 21.64 -6.72
N GLY B 265 -14.29 21.05 -6.90
CA GLY B 265 -13.79 19.95 -6.05
C GLY B 265 -13.68 20.39 -4.61
N LEU B 266 -13.10 21.56 -4.34
CA LEU B 266 -12.88 21.99 -2.93
C LEU B 266 -14.27 22.24 -2.28
N ASP B 267 -15.20 22.89 -2.98
CA ASP B 267 -16.59 23.09 -2.48
C ASP B 267 -17.21 21.74 -2.07
N ASN B 268 -17.10 20.74 -2.94
CA ASN B 268 -17.71 19.41 -2.69
C ASN B 268 -17.03 18.73 -1.51
N LEU B 269 -15.70 18.80 -1.43
CA LEU B 269 -14.89 18.21 -0.35
C LEU B 269 -15.32 18.82 0.99
N ILE B 270 -15.49 20.15 1.04
CA ILE B 270 -15.90 20.86 2.29
C ILE B 270 -17.30 20.39 2.67
N GLY B 271 -18.21 20.27 1.70
CA GLY B 271 -19.58 19.80 1.92
C GLY B 271 -19.61 18.41 2.51
N ILE B 272 -18.76 17.52 2.00
CA ILE B 272 -18.76 16.09 2.42
C ILE B 272 -18.24 16.01 3.87
N LEU B 273 -17.18 16.73 4.18
CA LEU B 273 -16.57 16.68 5.53
C LEU B 273 -17.54 17.32 6.52
N ALA B 274 -18.26 18.37 6.12
CA ALA B 274 -19.22 19.10 6.97
C ALA B 274 -20.37 18.13 7.27
N SER B 275 -20.88 17.43 6.26
CA SER B 275 -21.87 16.32 6.43
C SER B 275 -21.35 15.27 7.43
N LEU B 276 -20.11 14.83 7.29
CA LEU B 276 -19.52 13.79 8.17
C LEU B 276 -19.48 14.33 9.60
N ALA B 277 -19.16 15.60 9.80
CA ALA B 277 -19.01 16.20 11.15
C ALA B 277 -20.37 16.24 11.87
N GLU B 278 -21.49 16.19 11.13
CA GLU B 278 -22.86 16.26 11.70
C GLU B 278 -23.38 14.86 12.02
N ARG B 279 -22.77 13.80 11.47
CA ARG B 279 -23.22 12.39 11.66
C ARG B 279 -23.18 12.04 13.15
#